data_4PE2
#
_entry.id   4PE2
#
_cell.length_a   62.484
_cell.length_b   70.468
_cell.length_c   117.153
_cell.angle_alpha   90.000
_cell.angle_beta   90.240
_cell.angle_gamma   90.000
#
_symmetry.space_group_name_H-M   'I 1 2 1'
#
loop_
_entity.id
_entity.type
_entity.pdbx_description
1 polymer 'Maltose ABC transporter periplasmic protein,Prepilin-type N-terminal cleavage/methylation domain protein'
2 branched alpha-D-glucopyranose-(1-4)-alpha-D-glucopyranose
3 non-polymer 'MALONATE ION'
4 water water
#
_entity_poly.entity_id   1
_entity_poly.type   'polypeptide(L)'
_entity_poly.pdbx_seq_one_letter_code
;MKIEEGKLVIWINGDKGYNGLAEVGKKFEKDTGIKVTVEHPDKLEEKFPQVAATGDGPDIIFWAHDRFGGYAQSGLLAEI
TPDKAFQDKLYPFTWDAVRYNGKLIAYPIAVEALSLIYNKDLLPNPPKTWEEIPALDKELKAKGKSALMFNLQEPYFTWP
LIAADGGYAFKYENGKYDIKDVGVDNAGAKAGLTFLVDLIKNKHMNADTDYSIAEAAFNKGETAMTINGPWAWSNIDTSK
VNYGVTVLPTFKGQPSKPFVGVLSAGINAASPNKELAKEFLENYLLTDEGLEAVNKDKPLGAVALKSYEEELAKDPRIAA
TMENAQKGEIMPNIPQMSAFWYAVRTAVINAASGRQTVDEALKDAQTNAAASNINKAKVASVESDYSSVKSAALSYYSDK
NTMPPSGELDALETYMDTLPDKADIGGGYKLLLVNNKLALKIGDGTAADSVTLTKAQIEKLLSDIGPKKIYTENTLKTEL
QKNSTLKDGTLYIVLIDNAEMDSTNNGSLEHHHHHH
;
_entity_poly.pdbx_strand_id   A
#
# COMPACT_ATOMS: atom_id res chain seq x y z
N ILE A 3 -11.27 23.21 1.14
CA ILE A 3 -9.98 23.67 1.68
C ILE A 3 -10.01 25.19 1.89
N GLU A 4 -9.05 25.70 2.67
CA GLU A 4 -8.94 27.13 2.95
C GLU A 4 -7.46 27.56 3.09
N GLU A 5 -7.06 28.58 2.35
CA GLU A 5 -5.65 29.01 2.37
C GLU A 5 -5.31 29.59 3.73
N GLY A 6 -4.05 29.39 4.14
CA GLY A 6 -3.58 29.93 5.41
C GLY A 6 -3.87 29.06 6.61
N LYS A 7 -4.38 27.85 6.38
CA LYS A 7 -4.58 26.89 7.46
C LYS A 7 -4.43 25.50 6.88
N LEU A 8 -4.11 24.52 7.73
CA LEU A 8 -3.99 23.13 7.28
C LEU A 8 -5.09 22.28 7.89
N VAL A 9 -5.71 21.43 7.06
CA VAL A 9 -6.61 20.41 7.56
C VAL A 9 -5.97 19.05 7.29
N ILE A 10 -5.93 18.21 8.31
CA ILE A 10 -5.30 16.89 8.22
C ILE A 10 -6.34 15.82 8.51
N TRP A 11 -6.38 14.79 7.67
CA TRP A 11 -7.19 13.61 7.91
C TRP A 11 -6.32 12.41 8.24
N ILE A 12 -6.69 11.70 9.30
CA ILE A 12 -5.97 10.49 9.72
C ILE A 12 -7.02 9.54 10.28
N ASN A 13 -6.78 8.24 10.19
CA ASN A 13 -7.74 7.26 10.69
C ASN A 13 -7.94 7.34 12.21
N GLY A 14 -9.15 7.01 12.68
CA GLY A 14 -9.49 7.10 14.08
C GLY A 14 -8.78 6.13 15.02
N ASP A 15 -8.22 5.05 14.48
CA ASP A 15 -7.48 4.14 15.36
C ASP A 15 -6.07 4.68 15.63
N LYS A 16 -5.68 5.78 14.99
CA LYS A 16 -4.32 6.30 15.14
C LYS A 16 -4.27 7.46 16.15
N GLY A 17 -3.07 7.98 16.38
CA GLY A 17 -2.82 8.94 17.44
C GLY A 17 -3.16 10.38 17.09
N TYR A 18 -4.41 10.64 16.74
CA TYR A 18 -4.80 11.97 16.24
C TYR A 18 -4.71 13.08 17.29
N ASN A 19 -4.82 12.74 18.57
CA ASN A 19 -4.63 13.74 19.63
C ASN A 19 -3.16 14.15 19.73
N GLY A 20 -2.28 13.17 19.62
CA GLY A 20 -0.85 13.44 19.58
C GLY A 20 -0.52 14.27 18.35
N LEU A 21 -1.22 14.02 17.24
CA LEU A 21 -0.92 14.73 16.00
C LEU A 21 -1.41 16.17 16.15
N ALA A 22 -2.54 16.31 16.82
CA ALA A 22 -3.08 17.64 17.13
C ALA A 22 -2.09 18.46 17.95
N GLU A 23 -1.40 17.82 18.90
CA GLU A 23 -0.38 18.49 19.70
C GLU A 23 0.77 19.01 18.83
N VAL A 24 1.19 18.25 17.85
CA VAL A 24 2.20 18.73 16.90
C VAL A 24 1.66 19.94 16.14
N GLY A 25 0.39 19.88 15.76
CA GLY A 25 -0.27 20.98 15.05
C GLY A 25 -0.29 22.26 15.87
N LYS A 26 -0.51 22.14 17.18
CA LYS A 26 -0.50 23.32 18.06
C LYS A 26 0.89 23.92 18.17
N LYS A 27 1.92 23.07 18.25
CA LYS A 27 3.30 23.54 18.24
C LYS A 27 3.62 24.26 16.93
N PHE A 28 3.09 23.74 15.82
CA PHE A 28 3.21 24.39 14.51
C PHE A 28 2.56 25.78 14.57
N GLU A 29 1.33 25.82 15.06
CA GLU A 29 0.56 27.07 15.11
C GLU A 29 1.25 28.09 15.99
N LYS A 30 1.85 27.61 17.08
CA LYS A 30 2.62 28.47 17.97
C LYS A 30 3.68 29.20 17.16
N ASP A 31 4.55 28.43 16.51
CA ASP A 31 5.67 28.94 15.74
C ASP A 31 5.29 29.82 14.55
N THR A 32 4.21 29.50 13.87
CA THR A 32 3.97 30.08 12.56
C THR A 32 2.65 30.83 12.42
N GLY A 33 1.80 30.71 13.44
CA GLY A 33 0.49 31.35 13.40
C GLY A 33 -0.53 30.64 12.53
N ILE A 34 -0.11 29.55 11.90
CA ILE A 34 -0.98 28.79 11.01
C ILE A 34 -1.74 27.73 11.78
N LYS A 35 -3.07 27.75 11.67
CA LYS A 35 -3.95 26.83 12.42
C LYS A 35 -4.00 25.45 11.78
N VAL A 36 -3.81 24.41 12.60
CA VAL A 36 -3.86 23.04 12.10
C VAL A 36 -5.04 22.27 12.71
N THR A 37 -5.92 21.79 11.87
CA THR A 37 -7.08 21.02 12.31
C THR A 37 -6.98 19.55 11.87
N VAL A 38 -6.95 18.65 12.86
CA VAL A 38 -6.90 17.21 12.62
C VAL A 38 -8.28 16.62 12.78
N GLU A 39 -8.75 15.91 11.76
CA GLU A 39 -10.02 15.22 11.80
C GLU A 39 -9.83 13.75 11.51
N HIS A 40 -10.78 12.93 11.94
CA HIS A 40 -10.74 11.49 11.64
C HIS A 40 -12.07 10.96 11.11
N PRO A 41 -12.42 11.35 9.88
CA PRO A 41 -13.66 10.90 9.22
C PRO A 41 -13.75 9.38 9.11
N ASP A 42 -14.97 8.88 8.99
CA ASP A 42 -15.19 7.46 8.70
C ASP A 42 -14.95 7.22 7.22
N LYS A 43 -14.52 6.02 6.87
CA LYS A 43 -14.29 5.64 5.47
C LYS A 43 -13.34 6.63 4.80
N LEU A 44 -12.38 7.11 5.57
CA LEU A 44 -11.41 8.10 5.15
C LEU A 44 -10.80 7.81 3.78
N GLU A 45 -10.37 6.56 3.60
CA GLU A 45 -9.67 6.14 2.40
C GLU A 45 -10.58 6.13 1.16
N GLU A 46 -11.89 6.07 1.38
CA GLU A 46 -12.87 6.17 0.30
C GLU A 46 -13.36 7.60 0.07
N LYS A 47 -13.51 8.36 1.14
CA LYS A 47 -13.98 9.74 1.04
C LYS A 47 -12.97 10.64 0.33
N PHE A 48 -11.70 10.50 0.68
CA PHE A 48 -10.67 11.32 0.08
C PHE A 48 -10.70 11.32 -1.46
N PRO A 49 -10.70 10.13 -2.11
CA PRO A 49 -10.66 10.21 -3.58
C PRO A 49 -11.90 10.84 -4.24
N GLN A 50 -13.01 10.93 -3.51
CA GLN A 50 -14.20 11.58 -4.06
C GLN A 50 -14.10 13.09 -3.91
N VAL A 51 -13.74 13.54 -2.73
CA VAL A 51 -13.67 14.96 -2.44
C VAL A 51 -12.38 15.60 -2.97
N ALA A 52 -11.32 14.81 -3.15
CA ALA A 52 -10.10 15.34 -3.74
C ALA A 52 -10.28 15.55 -5.23
N ALA A 53 -10.87 14.56 -5.91
CA ALA A 53 -11.15 14.66 -7.34
C ALA A 53 -11.99 15.90 -7.62
N THR A 54 -12.87 16.20 -6.66
CA THR A 54 -13.64 17.43 -6.61
C THR A 54 -12.72 18.66 -6.61
N GLY A 55 -11.63 18.57 -5.84
CA GLY A 55 -10.75 19.72 -5.66
C GLY A 55 -10.80 20.21 -4.23
N ASP A 56 -11.49 19.45 -3.38
CA ASP A 56 -11.54 19.73 -1.95
C ASP A 56 -10.88 18.62 -1.13
N GLY A 57 -11.30 18.50 0.13
CA GLY A 57 -10.73 17.53 1.03
C GLY A 57 -9.69 18.17 1.94
N PRO A 58 -8.89 17.34 2.60
CA PRO A 58 -7.86 17.80 3.53
C PRO A 58 -6.63 18.31 2.78
N ASP A 59 -5.80 19.12 3.42
CA ASP A 59 -4.49 19.46 2.87
C ASP A 59 -3.57 18.24 2.91
N ILE A 60 -3.71 17.44 3.96
CA ILE A 60 -2.83 16.30 4.16
C ILE A 60 -3.67 15.07 4.51
N ILE A 61 -3.36 13.93 3.89
CA ILE A 61 -4.04 12.68 4.22
C ILE A 61 -3.05 11.63 4.71
N PHE A 62 -3.37 10.98 5.83
CA PHE A 62 -2.59 9.87 6.37
C PHE A 62 -3.29 8.56 6.07
N TRP A 63 -2.54 7.57 5.60
CA TRP A 63 -3.05 6.20 5.42
C TRP A 63 -1.86 5.29 5.17
N ALA A 64 -2.06 3.98 5.25
CA ALA A 64 -1.03 3.08 4.77
C ALA A 64 -0.74 3.29 3.28
N HIS A 65 0.49 2.95 2.88
CA HIS A 65 0.98 3.31 1.57
C HIS A 65 0.25 2.59 0.43
N ASP A 66 -0.46 1.49 0.73
CA ASP A 66 -1.05 0.70 -0.33
C ASP A 66 -2.11 1.47 -1.12
N ARG A 67 -2.72 2.50 -0.54
CA ARG A 67 -3.79 3.22 -1.24
C ARG A 67 -3.25 4.31 -2.15
N PHE A 68 -2.00 4.70 -1.94
CA PHE A 68 -1.52 5.94 -2.54
C PHE A 68 -1.26 5.84 -4.04
N GLY A 69 -0.95 4.65 -4.54
CA GLY A 69 -0.75 4.49 -5.98
C GLY A 69 -2.01 4.81 -6.76
N GLY A 70 -3.15 4.35 -6.27
CA GLY A 70 -4.43 4.72 -6.86
C GLY A 70 -4.64 6.23 -6.81
N TYR A 71 -4.31 6.84 -5.69
CA TYR A 71 -4.49 8.29 -5.53
C TYR A 71 -3.60 9.03 -6.52
N ALA A 72 -2.36 8.58 -6.64
CA ALA A 72 -1.40 9.19 -7.55
C ALA A 72 -1.87 9.04 -9.00
N GLN A 73 -2.36 7.86 -9.36
CA GLN A 73 -2.80 7.64 -10.74
C GLN A 73 -3.92 8.59 -11.11
N SER A 74 -4.82 8.83 -10.16
CA SER A 74 -5.93 9.76 -10.36
C SER A 74 -5.53 11.23 -10.27
N GLY A 75 -4.24 11.50 -10.12
CA GLY A 75 -3.75 12.88 -10.03
C GLY A 75 -4.15 13.60 -8.76
N LEU A 76 -4.42 12.85 -7.69
CA LEU A 76 -4.89 13.44 -6.44
C LEU A 76 -3.77 13.96 -5.54
N LEU A 77 -2.54 13.53 -5.81
CA LEU A 77 -1.43 13.80 -4.91
C LEU A 77 -0.37 14.72 -5.51
N ALA A 78 0.16 15.60 -4.67
CA ALA A 78 1.28 16.47 -5.05
C ALA A 78 2.59 15.69 -5.03
N GLU A 79 3.46 15.91 -6.01
CA GLU A 79 4.75 15.24 -5.96
C GLU A 79 5.51 15.79 -4.77
N ILE A 80 6.19 14.94 -4.03
CA ILE A 80 6.95 15.46 -2.92
C ILE A 80 8.44 15.44 -3.26
N THR A 81 9.10 16.53 -2.91
CA THR A 81 10.50 16.74 -3.28
C THR A 81 11.35 17.09 -2.07
N PRO A 82 11.61 16.09 -1.20
CA PRO A 82 12.48 16.36 -0.07
C PRO A 82 13.93 16.54 -0.53
N ASP A 83 14.65 17.42 0.16
CA ASP A 83 16.06 17.59 -0.10
C ASP A 83 16.82 16.33 0.33
N LYS A 84 17.98 16.11 -0.27
CA LYS A 84 18.81 14.93 -0.01
C LYS A 84 19.06 14.72 1.48
N ALA A 85 19.36 15.80 2.19
CA ALA A 85 19.65 15.72 3.61
C ALA A 85 18.43 15.28 4.41
N PHE A 86 17.25 15.73 3.99
CA PHE A 86 16.05 15.27 4.68
C PHE A 86 15.82 13.79 4.36
N GLN A 87 15.97 13.43 3.08
CA GLN A 87 15.75 12.04 2.68
C GLN A 87 16.63 11.08 3.47
N ASP A 88 17.87 11.50 3.74
CA ASP A 88 18.83 10.69 4.49
C ASP A 88 18.41 10.41 5.93
N LYS A 89 17.43 11.15 6.45
CA LYS A 89 16.97 10.98 7.82
C LYS A 89 15.99 9.83 7.98
N LEU A 90 15.41 9.36 6.87
CA LEU A 90 14.44 8.27 6.90
C LEU A 90 15.02 7.02 6.26
N TYR A 91 14.61 5.84 6.74
CA TYR A 91 15.08 4.60 6.15
C TYR A 91 14.72 4.43 4.67
N PRO A 92 15.73 4.06 3.86
CA PRO A 92 15.48 3.93 2.41
C PRO A 92 14.29 3.03 2.06
N PHE A 93 14.08 1.93 2.77
CA PHE A 93 12.98 1.04 2.39
C PHE A 93 11.60 1.68 2.65
N THR A 94 11.53 2.68 3.53
CA THR A 94 10.26 3.36 3.72
C THR A 94 10.01 4.34 2.56
N TRP A 95 11.07 4.95 2.05
CA TRP A 95 10.92 5.76 0.84
C TRP A 95 10.44 4.88 -0.31
N ASP A 96 11.01 3.67 -0.41
CA ASP A 96 10.63 2.75 -1.48
C ASP A 96 9.13 2.49 -1.48
N ALA A 97 8.53 2.43 -0.29
CA ALA A 97 7.12 2.12 -0.15
C ALA A 97 6.22 3.23 -0.76
N VAL A 98 6.71 4.47 -0.74
CA VAL A 98 5.96 5.61 -1.23
C VAL A 98 6.49 6.15 -2.55
N ARG A 99 7.27 5.34 -3.25
CA ARG A 99 7.70 5.69 -4.59
C ARG A 99 6.77 4.97 -5.58
N TYR A 100 6.27 5.70 -6.55
CA TYR A 100 5.35 5.13 -7.52
C TYR A 100 5.81 5.54 -8.92
N ASN A 101 6.27 4.56 -9.69
CA ASN A 101 6.79 4.80 -11.04
C ASN A 101 7.82 5.93 -11.12
N GLY A 102 8.78 5.91 -10.20
CA GLY A 102 9.89 6.84 -10.25
C GLY A 102 9.66 8.15 -9.51
N LYS A 103 8.49 8.32 -8.89
CA LYS A 103 8.20 9.57 -8.17
C LYS A 103 7.77 9.30 -6.73
N LEU A 104 8.28 10.09 -5.79
CA LEU A 104 7.83 10.00 -4.39
C LEU A 104 6.46 10.67 -4.29
N ILE A 105 5.49 9.99 -3.71
CA ILE A 105 4.12 10.52 -3.68
C ILE A 105 3.59 10.75 -2.27
N ALA A 106 4.43 10.50 -1.26
CA ALA A 106 4.08 10.75 0.14
C ALA A 106 5.32 10.72 1.02
N TYR A 107 5.18 11.15 2.27
CA TYR A 107 6.21 11.02 3.28
C TYR A 107 5.95 9.77 4.10
N PRO A 108 6.96 8.90 4.23
CA PRO A 108 6.72 7.75 5.11
C PRO A 108 6.83 8.15 6.58
N ILE A 109 6.02 7.54 7.42
CA ILE A 109 5.99 7.87 8.84
C ILE A 109 6.42 6.71 9.71
N ALA A 110 5.80 5.52 9.52
CA ALA A 110 6.08 4.37 10.40
C ALA A 110 5.71 3.07 9.72
N VAL A 111 6.35 1.99 10.16
CA VAL A 111 6.10 0.65 9.64
C VAL A 111 5.26 -0.10 10.66
N GLU A 112 4.14 -0.64 10.19
CA GLU A 112 3.22 -1.40 11.03
C GLU A 112 3.07 -2.81 10.49
N ALA A 113 2.93 -3.76 11.40
CA ALA A 113 2.48 -5.10 11.04
C ALA A 113 1.69 -5.62 12.22
N LEU A 114 0.78 -6.55 11.95
CA LEU A 114 0.02 -7.21 13.02
C LEU A 114 0.85 -8.15 13.88
N SER A 115 0.50 -8.26 15.16
CA SER A 115 1.12 -9.22 16.06
C SER A 115 0.07 -9.96 16.83
N LEU A 116 0.49 -11.07 17.45
CA LEU A 116 -0.34 -11.74 18.42
C LEU A 116 -0.22 -11.03 19.77
N ILE A 117 -1.34 -10.61 20.30
CA ILE A 117 -1.37 -9.95 21.61
C ILE A 117 -2.09 -10.90 22.55
N TYR A 118 -1.50 -11.20 23.69
CA TYR A 118 -2.12 -12.15 24.62
C TYR A 118 -2.14 -11.67 26.07
N ASN A 119 -3.09 -12.21 26.82
CA ASN A 119 -3.30 -11.90 28.23
C ASN A 119 -2.49 -12.88 29.06
N LYS A 120 -1.46 -12.39 29.73
CA LYS A 120 -0.50 -13.27 30.41
C LYS A 120 -1.12 -13.93 31.63
N ASP A 121 -2.22 -13.35 32.11
CA ASP A 121 -2.91 -13.89 33.27
C ASP A 121 -3.85 -15.04 32.90
N LEU A 122 -4.26 -15.08 31.63
CA LEU A 122 -5.08 -16.20 31.12
C LEU A 122 -4.24 -17.22 30.38
N LEU A 123 -3.11 -16.78 29.86
CA LEU A 123 -2.33 -17.60 28.95
C LEU A 123 -0.86 -17.24 29.11
N PRO A 124 -0.20 -17.84 30.11
CA PRO A 124 1.20 -17.50 30.41
C PRO A 124 2.12 -17.83 29.24
N ASN A 125 1.74 -18.82 28.44
CA ASN A 125 2.49 -19.19 27.24
C ASN A 125 1.61 -19.18 26.00
N PRO A 126 1.85 -18.23 25.08
CA PRO A 126 1.02 -18.16 23.88
C PRO A 126 1.26 -19.34 22.94
N PRO A 127 0.25 -19.69 22.13
CA PRO A 127 0.40 -20.81 21.19
C PRO A 127 1.44 -20.53 20.11
N LYS A 128 2.23 -21.53 19.73
CA LYS A 128 3.17 -21.34 18.63
C LYS A 128 2.48 -21.62 17.29
N THR A 129 1.36 -22.34 17.33
CA THR A 129 0.66 -22.77 16.11
C THR A 129 -0.83 -22.43 16.16
N TRP A 130 -1.40 -22.13 15.00
CA TRP A 130 -2.84 -21.93 14.87
C TRP A 130 -3.60 -23.20 15.23
N GLU A 131 -2.99 -24.33 14.91
CA GLU A 131 -3.64 -25.62 15.09
C GLU A 131 -3.98 -25.96 16.55
N GLU A 132 -3.26 -25.38 17.50
CA GLU A 132 -3.54 -25.68 18.90
C GLU A 132 -4.54 -24.71 19.52
N ILE A 133 -5.05 -23.77 18.72
CA ILE A 133 -6.00 -22.82 19.25
C ILE A 133 -7.39 -23.42 19.58
N PRO A 134 -7.90 -24.37 18.76
CA PRO A 134 -9.17 -24.97 19.24
C PRO A 134 -9.09 -25.60 20.65
N ALA A 135 -8.01 -26.31 20.94
CA ALA A 135 -7.87 -26.96 22.26
C ALA A 135 -7.74 -25.95 23.39
N LEU A 136 -7.06 -24.84 23.15
CA LEU A 136 -6.98 -23.77 24.13
C LEU A 136 -8.37 -23.22 24.42
N ASP A 137 -9.16 -23.05 23.37
CA ASP A 137 -10.48 -22.46 23.50
C ASP A 137 -11.36 -23.35 24.36
N LYS A 138 -11.24 -24.67 24.19
CA LYS A 138 -12.05 -25.60 24.98
C LYS A 138 -11.73 -25.49 26.46
N GLU A 139 -10.46 -25.34 26.79
CA GLU A 139 -10.06 -25.16 28.19
C GLU A 139 -10.58 -23.84 28.73
N LEU A 140 -10.43 -22.79 27.92
CA LEU A 140 -10.84 -21.47 28.37
C LEU A 140 -12.36 -21.34 28.50
N LYS A 141 -13.10 -22.06 27.66
CA LYS A 141 -14.55 -22.02 27.73
C LYS A 141 -15.04 -22.52 29.10
N ALA A 142 -14.26 -23.42 29.68
CA ALA A 142 -14.55 -23.98 30.99
C ALA A 142 -14.56 -22.90 32.06
N LYS A 143 -13.87 -21.79 31.77
CA LYS A 143 -13.76 -20.71 32.74
C LYS A 143 -14.62 -19.51 32.31
N GLY A 144 -15.45 -19.72 31.29
CA GLY A 144 -16.30 -18.67 30.77
C GLY A 144 -15.54 -17.68 29.89
N LYS A 145 -14.35 -18.07 29.45
CA LYS A 145 -13.51 -17.23 28.57
C LYS A 145 -13.41 -17.85 27.17
N SER A 146 -12.70 -17.17 26.27
CA SER A 146 -12.44 -17.72 24.96
C SER A 146 -10.98 -17.49 24.61
N ALA A 147 -10.47 -18.24 23.64
CA ALA A 147 -9.05 -18.17 23.31
C ALA A 147 -8.69 -16.93 22.49
N LEU A 148 -9.50 -16.63 21.48
CA LEU A 148 -9.09 -15.66 20.46
C LEU A 148 -10.26 -14.87 19.88
N MET A 149 -10.13 -13.53 19.85
CA MET A 149 -11.10 -12.71 19.16
C MET A 149 -10.36 -11.64 18.40
N PHE A 150 -10.68 -11.49 17.12
CA PHE A 150 -10.12 -10.40 16.32
C PHE A 150 -11.09 -9.99 15.21
N ASN A 151 -10.84 -8.84 14.60
CA ASN A 151 -11.73 -8.27 13.59
C ASN A 151 -11.88 -9.15 12.34
N LEU A 152 -13.06 -9.71 12.14
CA LEU A 152 -13.31 -10.57 10.98
C LEU A 152 -14.01 -9.80 9.86
N GLN A 153 -14.18 -8.50 10.03
CA GLN A 153 -14.82 -7.69 8.98
C GLN A 153 -13.83 -7.03 8.03
N GLU A 154 -12.57 -6.94 8.45
CA GLU A 154 -11.52 -6.38 7.59
C GLU A 154 -10.50 -7.44 7.23
N PRO A 155 -10.31 -7.67 5.91
CA PRO A 155 -9.43 -8.75 5.42
C PRO A 155 -7.95 -8.60 5.84
N TYR A 156 -7.54 -7.38 6.20
CA TYR A 156 -6.21 -7.14 6.72
C TYR A 156 -5.83 -8.10 7.88
N PHE A 157 -6.81 -8.40 8.74
CA PHE A 157 -6.59 -9.19 9.94
C PHE A 157 -6.58 -10.70 9.65
N THR A 158 -7.28 -11.12 8.60
CA THR A 158 -7.30 -12.56 8.26
C THR A 158 -6.22 -12.91 7.23
N TRP A 159 -5.77 -11.92 6.46
CA TRP A 159 -4.68 -12.16 5.50
C TRP A 159 -3.43 -12.95 6.01
N PRO A 160 -2.94 -12.68 7.24
CA PRO A 160 -1.72 -13.39 7.66
C PRO A 160 -1.88 -14.90 7.60
N LEU A 161 -3.08 -15.37 7.90
CA LEU A 161 -3.37 -16.81 7.90
C LEU A 161 -3.55 -17.31 6.47
N ILE A 162 -4.19 -16.51 5.63
CA ILE A 162 -4.43 -16.86 4.24
C ILE A 162 -3.13 -16.97 3.49
N ALA A 163 -2.20 -16.09 3.81
CA ALA A 163 -0.93 -16.07 3.08
C ALA A 163 0.03 -17.15 3.57
N ALA A 164 -0.20 -17.66 4.77
CA ALA A 164 0.76 -18.53 5.47
C ALA A 164 1.18 -19.73 4.59
N ASP A 165 0.21 -20.46 4.07
CA ASP A 165 0.50 -21.68 3.32
C ASP A 165 0.63 -21.44 1.79
N GLY A 166 0.64 -20.19 1.37
CA GLY A 166 0.91 -19.91 -0.03
C GLY A 166 0.07 -18.86 -0.75
N GLY A 167 -0.92 -18.29 -0.07
CA GLY A 167 -1.69 -17.23 -0.69
C GLY A 167 -0.79 -16.03 -0.92
N TYR A 168 -1.08 -15.25 -1.96
CA TYR A 168 -0.37 -13.99 -2.18
C TYR A 168 -1.29 -13.04 -2.94
N ALA A 169 -0.98 -11.75 -2.89
CA ALA A 169 -1.77 -10.76 -3.59
C ALA A 169 -1.35 -10.69 -5.06
N PHE A 170 -0.32 -9.91 -5.36
CA PHE A 170 0.19 -9.82 -6.72
C PHE A 170 1.61 -10.34 -6.79
N LYS A 171 1.90 -11.17 -7.79
CA LYS A 171 3.25 -11.70 -7.94
C LYS A 171 4.23 -10.61 -8.37
N TYR A 172 5.39 -10.60 -7.72
CA TYR A 172 6.40 -9.60 -7.99
C TYR A 172 7.53 -10.26 -8.77
N GLU A 173 7.87 -9.67 -9.92
CA GLU A 173 8.89 -10.24 -10.78
C GLU A 173 9.61 -9.13 -11.55
N ASN A 174 10.93 -9.16 -11.50
CA ASN A 174 11.79 -8.22 -12.22
C ASN A 174 11.43 -6.78 -11.91
N GLY A 175 11.14 -6.52 -10.63
CA GLY A 175 10.83 -5.17 -10.20
C GLY A 175 9.43 -4.69 -10.46
N LYS A 176 8.58 -5.55 -11.02
CA LYS A 176 7.19 -5.15 -11.24
C LYS A 176 6.17 -6.17 -10.79
N TYR A 177 5.01 -5.68 -10.41
CA TYR A 177 3.86 -6.50 -10.08
C TYR A 177 3.07 -6.84 -11.34
N ASP A 178 2.61 -8.07 -11.41
CA ASP A 178 1.78 -8.57 -12.49
C ASP A 178 0.33 -8.52 -12.01
N ILE A 179 -0.51 -7.67 -12.59
CA ILE A 179 -1.87 -7.53 -12.07
C ILE A 179 -2.83 -8.63 -12.55
N LYS A 180 -2.33 -9.55 -13.35
CA LYS A 180 -3.13 -10.72 -13.70
C LYS A 180 -2.81 -11.87 -12.74
N ASP A 181 -1.56 -11.89 -12.26
CA ASP A 181 -1.08 -13.01 -11.46
C ASP A 181 -1.37 -12.83 -9.95
N VAL A 182 -2.56 -13.25 -9.53
CA VAL A 182 -3.02 -13.13 -8.16
C VAL A 182 -3.09 -14.49 -7.48
N GLY A 183 -2.76 -14.56 -6.20
CA GLY A 183 -2.70 -15.84 -5.52
C GLY A 183 -3.78 -16.03 -4.48
N VAL A 184 -4.99 -15.54 -4.73
CA VAL A 184 -6.00 -15.60 -3.69
C VAL A 184 -6.80 -16.89 -3.77
N ASP A 185 -6.55 -17.66 -4.82
CA ASP A 185 -7.38 -18.80 -5.17
C ASP A 185 -6.56 -20.11 -5.25
N ASN A 186 -5.31 -20.07 -4.81
CA ASN A 186 -4.48 -21.28 -4.85
C ASN A 186 -4.73 -22.17 -3.62
N ALA A 187 -4.00 -23.28 -3.56
CA ALA A 187 -4.22 -24.26 -2.50
C ALA A 187 -3.89 -23.67 -1.12
N GLY A 188 -2.89 -22.81 -1.09
CA GLY A 188 -2.48 -22.18 0.16
C GLY A 188 -3.53 -21.26 0.75
N ALA A 189 -4.07 -20.36 -0.09
CA ALA A 189 -5.14 -19.46 0.32
C ALA A 189 -6.35 -20.27 0.78
N LYS A 190 -6.70 -21.33 0.05
CA LYS A 190 -7.84 -22.13 0.45
C LYS A 190 -7.62 -22.82 1.79
N ALA A 191 -6.39 -23.26 2.04
CA ALA A 191 -6.13 -23.98 3.29
C ALA A 191 -6.32 -23.04 4.46
N GLY A 192 -5.78 -21.83 4.32
CA GLY A 192 -5.90 -20.80 5.34
C GLY A 192 -7.33 -20.41 5.61
N LEU A 193 -8.09 -20.10 4.57
CA LEU A 193 -9.47 -19.66 4.77
C LEU A 193 -10.34 -20.81 5.27
N THR A 194 -10.03 -22.03 4.85
CA THR A 194 -10.80 -23.16 5.35
C THR A 194 -10.60 -23.33 6.86
N PHE A 195 -9.38 -23.12 7.33
CA PHE A 195 -9.10 -23.22 8.75
C PHE A 195 -9.89 -22.17 9.52
N LEU A 196 -9.90 -20.94 9.01
CA LEU A 196 -10.66 -19.87 9.64
C LEU A 196 -12.16 -20.22 9.71
N VAL A 197 -12.70 -20.75 8.62
CA VAL A 197 -14.13 -21.05 8.56
C VAL A 197 -14.46 -22.19 9.50
N ASP A 198 -13.53 -23.14 9.63
CA ASP A 198 -13.71 -24.22 10.61
C ASP A 198 -13.68 -23.69 12.06
N LEU A 199 -12.80 -22.74 12.36
CA LEU A 199 -12.82 -22.10 13.67
C LEU A 199 -14.21 -21.53 13.97
N ILE A 200 -14.80 -20.88 12.98
CA ILE A 200 -16.12 -20.28 13.15
C ILE A 200 -17.21 -21.35 13.26
N LYS A 201 -17.16 -22.35 12.39
CA LYS A 201 -18.17 -23.42 12.41
C LYS A 201 -18.16 -24.16 13.74
N ASN A 202 -16.98 -24.33 14.34
CA ASN A 202 -16.86 -24.97 15.66
C ASN A 202 -17.04 -23.99 16.83
N LYS A 203 -17.53 -22.80 16.52
CA LYS A 203 -17.86 -21.77 17.49
C LYS A 203 -16.69 -21.33 18.39
N HIS A 204 -15.48 -21.44 17.86
CA HIS A 204 -14.28 -20.85 18.47
C HIS A 204 -14.23 -19.36 18.21
N MET A 205 -14.86 -18.95 17.12
CA MET A 205 -15.01 -17.54 16.80
C MET A 205 -16.41 -17.28 16.25
N ASN A 206 -16.77 -16.00 16.16
CA ASN A 206 -18.07 -15.57 15.65
C ASN A 206 -17.89 -14.71 14.42
N ALA A 207 -18.64 -15.02 13.37
CA ALA A 207 -18.47 -14.29 12.09
C ALA A 207 -18.79 -12.80 12.20
N ASP A 208 -19.59 -12.43 13.20
CA ASP A 208 -20.00 -11.04 13.38
C ASP A 208 -18.97 -10.17 14.11
N THR A 209 -17.92 -10.80 14.63
CA THR A 209 -16.93 -10.07 15.44
C THR A 209 -16.26 -8.98 14.61
N ASP A 210 -16.33 -7.74 15.09
CA ASP A 210 -15.70 -6.64 14.40
C ASP A 210 -14.61 -6.04 15.28
N TYR A 211 -14.01 -4.94 14.86
CA TYR A 211 -12.89 -4.36 15.58
C TYR A 211 -13.26 -3.97 17.02
N SER A 212 -14.40 -3.32 17.18
CA SER A 212 -14.78 -2.82 18.50
C SER A 212 -15.11 -3.97 19.45
N ILE A 213 -15.77 -5.00 18.94
CA ILE A 213 -16.14 -6.14 19.76
C ILE A 213 -14.90 -6.88 20.27
N ALA A 214 -13.95 -7.15 19.37
CA ALA A 214 -12.72 -7.84 19.74
C ALA A 214 -11.89 -7.03 20.73
N GLU A 215 -11.78 -5.73 20.50
CA GLU A 215 -11.01 -4.90 21.40
C GLU A 215 -11.61 -4.86 22.80
N ALA A 216 -12.93 -4.67 22.88
CA ALA A 216 -13.62 -4.64 24.18
C ALA A 216 -13.43 -5.95 24.92
N ALA A 217 -13.60 -7.06 24.22
CA ALA A 217 -13.46 -8.36 24.86
C ALA A 217 -12.03 -8.57 25.38
N PHE A 218 -11.02 -8.19 24.60
CA PHE A 218 -9.67 -8.45 25.07
C PHE A 218 -9.36 -7.54 26.25
N ASN A 219 -9.72 -6.26 26.12
CA ASN A 219 -9.36 -5.29 27.16
C ASN A 219 -10.16 -5.47 28.46
N LYS A 220 -11.29 -6.18 28.39
CA LYS A 220 -12.03 -6.52 29.60
C LYS A 220 -11.64 -7.88 30.17
N GLY A 221 -10.68 -8.56 29.52
CA GLY A 221 -10.16 -9.79 30.07
C GLY A 221 -11.06 -10.98 29.78
N GLU A 222 -11.86 -10.88 28.73
CA GLU A 222 -12.80 -11.95 28.35
C GLU A 222 -12.21 -12.97 27.37
N THR A 223 -11.12 -12.60 26.69
CA THR A 223 -10.51 -13.50 25.71
C THR A 223 -9.01 -13.45 25.89
N ALA A 224 -8.35 -14.59 25.70
CA ALA A 224 -6.93 -14.68 26.00
C ALA A 224 -6.04 -14.02 24.94
N MET A 225 -6.55 -13.90 23.71
CA MET A 225 -5.73 -13.40 22.61
C MET A 225 -6.50 -12.53 21.63
N THR A 226 -5.77 -11.62 21.00
CA THR A 226 -6.32 -10.89 19.86
C THR A 226 -5.20 -10.70 18.83
N ILE A 227 -5.57 -10.18 17.67
CA ILE A 227 -4.59 -9.83 16.64
C ILE A 227 -4.78 -8.38 16.31
N ASN A 228 -3.73 -7.59 16.46
CA ASN A 228 -3.90 -6.17 16.26
C ASN A 228 -2.53 -5.54 16.05
N GLY A 229 -2.52 -4.27 15.68
CA GLY A 229 -1.27 -3.56 15.45
C GLY A 229 -0.90 -2.64 16.62
N PRO A 230 0.21 -1.92 16.46
CA PRO A 230 0.80 -1.13 17.55
C PRO A 230 -0.16 -0.08 18.07
N TRP A 231 -1.05 0.43 17.21
CA TRP A 231 -1.97 1.49 17.64
C TRP A 231 -2.87 1.03 18.80
N ALA A 232 -3.09 -0.28 18.89
CA ALA A 232 -3.98 -0.84 19.91
C ALA A 232 -3.37 -0.92 21.32
N TRP A 233 -2.06 -0.78 21.44
CA TRP A 233 -1.38 -1.05 22.71
C TRP A 233 -1.80 -0.03 23.76
N SER A 234 -2.10 1.18 23.31
CA SER A 234 -2.48 2.28 24.22
C SER A 234 -3.71 1.94 25.06
N ASN A 235 -4.80 1.52 24.41
CA ASN A 235 -6.03 1.15 25.08
C ASN A 235 -5.85 -0.09 25.96
N ILE A 236 -4.97 -1.00 25.57
CA ILE A 236 -4.68 -2.13 26.46
C ILE A 236 -3.92 -1.63 27.69
N ASP A 237 -3.05 -0.62 27.51
CA ASP A 237 -2.33 -0.04 28.64
C ASP A 237 -3.29 0.52 29.67
N THR A 238 -4.32 1.20 29.19
CA THR A 238 -5.25 1.89 30.07
C THR A 238 -6.06 0.84 30.85
N SER A 239 -6.30 -0.30 30.23
CA SER A 239 -7.05 -1.38 30.89
C SER A 239 -6.21 -2.12 31.95
N LYS A 240 -6.82 -3.07 32.65
CA LYS A 240 -6.11 -3.81 33.71
C LYS A 240 -5.37 -5.05 33.18
N VAL A 241 -5.33 -5.22 31.87
CA VAL A 241 -4.75 -6.43 31.31
C VAL A 241 -3.22 -6.41 31.32
N ASN A 242 -2.64 -7.48 31.84
CA ASN A 242 -1.21 -7.76 31.75
C ASN A 242 -0.92 -8.48 30.42
N TYR A 243 -0.43 -7.75 29.42
CA TYR A 243 -0.38 -8.30 28.06
C TYR A 243 1.02 -8.46 27.52
N GLY A 244 1.18 -9.42 26.61
CA GLY A 244 2.39 -9.56 25.83
C GLY A 244 2.10 -9.39 24.33
N VAL A 245 3.15 -9.13 23.57
CA VAL A 245 3.09 -8.97 22.11
C VAL A 245 4.15 -9.86 21.49
N THR A 246 3.73 -10.73 20.60
CA THR A 246 4.61 -11.77 20.12
C THR A 246 4.33 -12.12 18.66
N VAL A 247 5.17 -13.02 18.19
CA VAL A 247 5.05 -13.59 16.87
C VAL A 247 3.72 -14.31 16.68
N LEU A 248 3.10 -14.07 15.53
CA LEU A 248 1.88 -14.78 15.13
C LEU A 248 2.16 -16.28 15.11
N PRO A 249 1.14 -17.09 15.39
CA PRO A 249 1.29 -18.55 15.28
C PRO A 249 1.60 -19.00 13.84
N THR A 250 2.20 -20.19 13.74
CA THR A 250 2.47 -20.76 12.43
C THR A 250 1.23 -21.53 12.00
N PHE A 251 1.14 -21.79 10.70
CA PHE A 251 0.05 -22.58 10.16
C PHE A 251 0.68 -23.61 9.23
N LYS A 252 0.37 -24.87 9.47
CA LYS A 252 1.00 -25.98 8.75
C LYS A 252 2.51 -25.79 8.74
N GLY A 253 3.04 -25.42 9.91
CA GLY A 253 4.47 -25.29 10.12
C GLY A 253 5.13 -24.09 9.46
N GLN A 254 4.34 -23.23 8.83
CA GLN A 254 4.91 -22.06 8.16
C GLN A 254 4.48 -20.78 8.87
N PRO A 255 5.29 -19.72 8.80
CA PRO A 255 4.93 -18.52 9.56
C PRO A 255 3.67 -17.81 9.01
N SER A 256 2.89 -17.18 9.88
CA SER A 256 1.86 -16.27 9.39
C SER A 256 2.55 -15.12 8.66
N LYS A 257 1.88 -14.55 7.65
CA LYS A 257 2.51 -13.57 6.78
C LYS A 257 1.65 -12.32 6.68
N PRO A 258 1.72 -11.47 7.70
CA PRO A 258 0.91 -10.25 7.68
C PRO A 258 1.43 -9.31 6.61
N PHE A 259 0.54 -8.56 5.97
CA PHE A 259 0.99 -7.55 5.03
C PHE A 259 1.58 -6.41 5.85
N VAL A 260 2.63 -5.81 5.34
CA VAL A 260 3.31 -4.77 6.06
C VAL A 260 2.88 -3.42 5.50
N GLY A 261 2.46 -2.49 6.35
CA GLY A 261 2.04 -1.19 5.87
C GLY A 261 3.01 -0.11 6.34
N VAL A 262 3.23 0.89 5.49
CA VAL A 262 3.97 2.08 5.92
C VAL A 262 2.94 3.21 5.98
N LEU A 263 2.60 3.62 7.22
CA LEU A 263 1.76 4.79 7.43
C LEU A 263 2.46 5.94 6.72
N SER A 264 1.72 6.65 5.88
CA SER A 264 2.28 7.68 5.00
C SER A 264 1.42 8.94 4.98
N ALA A 265 2.05 10.09 4.73
CA ALA A 265 1.30 11.33 4.61
C ALA A 265 1.42 11.92 3.21
N GLY A 266 0.29 12.06 2.52
CA GLY A 266 0.25 12.64 1.18
C GLY A 266 -0.28 14.06 1.21
N ILE A 267 0.18 14.88 0.27
CA ILE A 267 -0.31 16.24 0.15
C ILE A 267 -1.30 16.34 -1.01
N ASN A 268 -2.48 16.87 -0.72
CA ASN A 268 -3.54 17.04 -1.72
C ASN A 268 -3.08 17.95 -2.86
N ALA A 269 -3.16 17.44 -4.08
CA ALA A 269 -2.69 18.18 -5.25
C ALA A 269 -3.47 19.47 -5.49
N ALA A 270 -4.65 19.60 -4.89
CA ALA A 270 -5.46 20.80 -5.07
C ALA A 270 -5.33 21.75 -3.88
N SER A 271 -4.50 21.39 -2.91
CA SER A 271 -4.28 22.25 -1.75
C SER A 271 -3.55 23.52 -2.17
N PRO A 272 -4.04 24.67 -1.69
CA PRO A 272 -3.37 25.97 -1.81
C PRO A 272 -2.31 26.15 -0.72
N ASN A 273 -2.08 25.10 0.06
CA ASN A 273 -1.18 25.16 1.21
C ASN A 273 -0.03 24.15 1.16
N LYS A 274 0.41 23.76 -0.05
CA LYS A 274 1.44 22.72 -0.18
C LYS A 274 2.75 23.08 0.54
N GLU A 275 3.15 24.34 0.48
CA GLU A 275 4.39 24.73 1.14
C GLU A 275 4.27 24.69 2.67
N LEU A 276 3.12 25.08 3.20
CA LEU A 276 2.85 24.94 4.62
C LEU A 276 2.82 23.46 5.00
N ALA A 277 2.19 22.66 4.15
CA ALA A 277 2.06 21.22 4.40
C ALA A 277 3.43 20.58 4.43
N LYS A 278 4.29 20.96 3.48
CA LYS A 278 5.65 20.45 3.44
C LYS A 278 6.43 20.84 4.71
N GLU A 279 6.31 22.11 5.11
CA GLU A 279 6.97 22.57 6.32
C GLU A 279 6.53 21.77 7.56
N PHE A 280 5.24 21.54 7.67
CA PHE A 280 4.69 20.83 8.83
C PHE A 280 5.23 19.41 8.91
N LEU A 281 5.16 18.71 7.79
CA LEU A 281 5.57 17.30 7.76
C LEU A 281 7.07 17.16 7.98
N GLU A 282 7.89 17.93 7.25
CA GLU A 282 9.35 17.79 7.37
C GLU A 282 9.94 18.34 8.67
N ASN A 283 9.47 19.48 9.14
CA ASN A 283 10.14 20.17 10.24
C ASN A 283 9.45 20.10 11.59
N TYR A 284 8.24 19.56 11.62
CA TYR A 284 7.53 19.39 12.89
C TYR A 284 7.15 17.94 13.18
N LEU A 285 6.45 17.30 12.24
CA LEU A 285 6.05 15.90 12.47
C LEU A 285 7.25 14.94 12.46
N LEU A 286 8.02 14.96 11.37
CA LEU A 286 9.11 13.98 11.19
C LEU A 286 10.39 14.43 11.90
N THR A 287 10.26 14.66 13.21
CA THR A 287 11.35 14.99 14.11
C THR A 287 11.14 14.13 15.34
N ASP A 288 12.18 13.93 16.14
CA ASP A 288 12.05 13.13 17.37
C ASP A 288 10.87 13.62 18.22
N GLU A 289 10.72 14.93 18.37
CA GLU A 289 9.67 15.45 19.26
C GLU A 289 8.28 15.27 18.68
N GLY A 290 8.14 15.47 17.37
CA GLY A 290 6.86 15.29 16.69
C GLY A 290 6.40 13.84 16.74
N LEU A 291 7.31 12.92 16.40
CA LEU A 291 6.93 11.50 16.43
C LEU A 291 6.68 11.01 17.84
N GLU A 292 7.44 11.51 18.80
CA GLU A 292 7.21 11.15 20.20
C GLU A 292 5.78 11.53 20.63
N ALA A 293 5.30 12.69 20.21
CA ALA A 293 3.95 13.13 20.59
C ALA A 293 2.87 12.23 20.01
N VAL A 294 3.07 11.80 18.77
CA VAL A 294 2.09 10.94 18.14
C VAL A 294 2.16 9.56 18.80
N ASN A 295 3.39 9.08 18.99
CA ASN A 295 3.63 7.73 19.51
C ASN A 295 3.14 7.56 20.96
N LYS A 296 3.25 8.62 21.75
CA LYS A 296 2.79 8.59 23.13
C LYS A 296 1.27 8.49 23.21
N ASP A 297 0.57 8.97 22.19
CA ASP A 297 -0.87 8.87 22.08
C ASP A 297 -1.31 7.46 21.68
N LYS A 298 -0.92 7.04 20.47
CA LYS A 298 -1.10 5.65 20.04
C LYS A 298 0.17 5.21 19.33
N PRO A 299 0.81 4.10 19.79
CA PRO A 299 2.10 3.67 19.24
C PRO A 299 2.06 3.54 17.72
N LEU A 300 3.14 4.02 17.10
CA LEU A 300 3.28 4.05 15.66
C LEU A 300 3.80 2.75 15.06
N GLY A 301 4.55 2.00 15.88
CA GLY A 301 5.30 0.86 15.37
C GLY A 301 6.77 1.22 15.24
N ALA A 302 7.40 0.79 14.15
CA ALA A 302 8.79 1.13 13.86
C ALA A 302 8.84 2.37 12.99
N VAL A 303 9.16 3.51 13.57
CA VAL A 303 9.08 4.74 12.81
C VAL A 303 10.15 4.83 11.73
N ALA A 304 9.85 5.64 10.71
CA ALA A 304 10.69 5.75 9.53
C ALA A 304 11.91 6.62 9.82
N LEU A 305 11.80 7.45 10.85
CA LEU A 305 12.87 8.39 11.21
C LEU A 305 13.97 7.68 12.01
N LYS A 306 15.14 7.54 11.40
CA LYS A 306 16.25 6.77 11.99
C LYS A 306 16.59 7.11 13.43
N SER A 307 16.69 8.40 13.76
CA SER A 307 17.11 8.78 15.10
C SER A 307 16.11 8.30 16.17
N TYR A 308 14.82 8.31 15.86
CA TYR A 308 13.82 7.96 16.86
C TYR A 308 13.58 6.46 16.91
N GLU A 309 13.67 5.82 15.74
CA GLU A 309 13.60 4.35 15.69
C GLU A 309 14.69 3.72 16.58
N GLU A 310 15.92 4.24 16.52
CA GLU A 310 16.99 3.79 17.42
C GLU A 310 16.61 3.91 18.88
N GLU A 311 16.01 5.04 19.24
CA GLU A 311 15.58 5.28 20.63
C GLU A 311 14.56 4.24 21.14
N LEU A 312 13.66 3.79 20.27
CA LEU A 312 12.61 2.85 20.64
C LEU A 312 12.92 1.38 20.35
N ALA A 313 14.06 1.09 19.71
CA ALA A 313 14.31 -0.24 19.16
C ALA A 313 14.37 -1.37 20.18
N LYS A 314 14.64 -1.04 21.44
CA LYS A 314 14.75 -2.05 22.50
C LYS A 314 13.40 -2.55 23.03
N ASP A 315 12.33 -1.82 22.72
CA ASP A 315 10.96 -2.18 23.12
C ASP A 315 10.62 -3.57 22.58
N PRO A 316 10.32 -4.52 23.47
CA PRO A 316 9.98 -5.90 23.05
C PRO A 316 8.75 -5.94 22.15
N ARG A 317 7.83 -4.99 22.32
CA ARG A 317 6.63 -4.96 21.48
C ARG A 317 6.96 -4.55 20.05
N ILE A 318 7.90 -3.62 19.91
CA ILE A 318 8.34 -3.22 18.58
C ILE A 318 9.21 -4.33 17.94
N ALA A 319 9.99 -5.03 18.75
CA ALA A 319 10.76 -6.16 18.25
C ALA A 319 9.83 -7.23 17.68
N ALA A 320 8.74 -7.52 18.40
CA ALA A 320 7.74 -8.48 17.91
C ALA A 320 7.07 -7.98 16.63
N THR A 321 6.73 -6.70 16.57
CA THR A 321 6.18 -6.10 15.36
C THR A 321 7.14 -6.32 14.17
N MET A 322 8.43 -6.11 14.39
CA MET A 322 9.42 -6.24 13.33
C MET A 322 9.63 -7.68 12.92
N GLU A 323 9.54 -8.58 13.89
CA GLU A 323 9.65 -9.99 13.58
C GLU A 323 8.51 -10.42 12.67
N ASN A 324 7.28 -10.04 13.01
CA ASN A 324 6.13 -10.37 12.14
C ASN A 324 6.24 -9.72 10.77
N ALA A 325 6.71 -8.48 10.73
CA ALA A 325 6.93 -7.76 9.48
C ALA A 325 7.98 -8.46 8.61
N GLN A 326 9.01 -9.00 9.25
CA GLN A 326 10.03 -9.77 8.54
C GLN A 326 9.46 -11.01 7.86
N LYS A 327 8.56 -11.71 8.54
CA LYS A 327 7.95 -12.90 7.96
C LYS A 327 6.90 -12.57 6.90
N GLY A 328 6.31 -11.38 6.99
CA GLY A 328 5.29 -10.96 6.03
C GLY A 328 5.86 -10.30 4.80
N GLU A 329 5.00 -9.65 4.03
CA GLU A 329 5.43 -8.99 2.79
C GLU A 329 4.98 -7.55 2.81
N ILE A 330 5.77 -6.66 2.23
CA ILE A 330 5.34 -5.27 2.09
C ILE A 330 4.16 -5.21 1.10
N MET A 331 3.14 -4.41 1.40
CA MET A 331 2.02 -4.25 0.48
C MET A 331 2.48 -3.57 -0.79
N PRO A 332 1.97 -4.03 -1.94
CA PRO A 332 2.12 -3.25 -3.18
C PRO A 332 1.38 -1.92 -3.01
N ASN A 333 1.80 -0.89 -3.73
CA ASN A 333 1.07 0.37 -3.70
C ASN A 333 0.31 0.60 -5.00
N ILE A 334 0.27 -0.40 -5.86
CA ILE A 334 -0.33 -0.23 -7.20
C ILE A 334 -1.84 0.05 -7.12
N PRO A 335 -2.39 0.73 -8.14
CA PRO A 335 -3.83 1.10 -8.15
C PRO A 335 -4.79 -0.08 -7.98
N GLN A 336 -4.37 -1.26 -8.44
CA GLN A 336 -5.21 -2.45 -8.36
C GLN A 336 -5.39 -3.00 -6.93
N MET A 337 -4.64 -2.47 -5.97
CA MET A 337 -4.80 -2.92 -4.58
C MET A 337 -6.21 -2.71 -4.02
N SER A 338 -6.87 -1.62 -4.41
CA SER A 338 -8.24 -1.36 -3.98
C SER A 338 -9.15 -2.51 -4.38
N ALA A 339 -9.00 -2.97 -5.62
CA ALA A 339 -9.81 -4.08 -6.14
C ALA A 339 -9.48 -5.36 -5.39
N PHE A 340 -8.20 -5.54 -5.08
CA PHE A 340 -7.74 -6.71 -4.33
C PHE A 340 -8.42 -6.74 -2.96
N TRP A 341 -8.39 -5.61 -2.27
CA TRP A 341 -8.94 -5.60 -0.92
C TRP A 341 -10.46 -5.77 -0.90
N TYR A 342 -11.15 -5.23 -1.89
CA TYR A 342 -12.59 -5.44 -1.95
C TYR A 342 -12.87 -6.91 -2.20
N ALA A 343 -12.08 -7.52 -3.08
CA ALA A 343 -12.24 -8.92 -3.43
C ALA A 343 -12.08 -9.82 -2.20
N VAL A 344 -11.00 -9.60 -1.44
CA VAL A 344 -10.74 -10.48 -0.29
C VAL A 344 -11.70 -10.23 0.86
N ARG A 345 -12.06 -8.96 1.12
CA ARG A 345 -13.10 -8.66 2.10
C ARG A 345 -14.38 -9.43 1.84
N THR A 346 -14.80 -9.44 0.57
CA THR A 346 -16.04 -10.13 0.20
C THR A 346 -15.91 -11.63 0.41
N ALA A 347 -14.78 -12.19 0.00
CA ALA A 347 -14.50 -13.59 0.19
C ALA A 347 -14.52 -13.97 1.65
N VAL A 348 -13.82 -13.22 2.51
CA VAL A 348 -13.75 -13.57 3.92
C VAL A 348 -15.11 -13.41 4.63
N ILE A 349 -15.81 -12.32 4.36
CA ILE A 349 -17.10 -12.12 4.97
C ILE A 349 -18.10 -13.19 4.50
N ASN A 350 -18.13 -13.49 3.20
CA ASN A 350 -19.08 -14.50 2.69
C ASN A 350 -18.72 -15.91 3.16
N ALA A 351 -17.44 -16.22 3.20
CA ALA A 351 -17.05 -17.55 3.69
C ALA A 351 -17.36 -17.68 5.18
N ALA A 352 -17.04 -16.65 5.96
CA ALA A 352 -17.27 -16.70 7.40
C ALA A 352 -18.74 -16.83 7.75
N SER A 353 -19.60 -16.11 7.03
CA SER A 353 -21.03 -16.08 7.37
C SER A 353 -21.81 -17.24 6.73
N GLY A 354 -21.14 -18.01 5.89
CA GLY A 354 -21.80 -19.12 5.22
C GLY A 354 -22.59 -18.73 3.97
N ARG A 355 -22.36 -17.54 3.45
CA ARG A 355 -23.00 -17.12 2.21
C ARG A 355 -22.33 -17.68 0.94
N GLN A 356 -21.08 -18.12 1.06
CA GLN A 356 -20.39 -18.83 -0.01
C GLN A 356 -19.49 -19.89 0.61
N THR A 357 -19.35 -21.03 -0.07
CA THR A 357 -18.33 -21.99 0.32
C THR A 357 -16.95 -21.35 0.12
N VAL A 358 -15.94 -21.91 0.78
CA VAL A 358 -14.58 -21.40 0.62
C VAL A 358 -14.15 -21.39 -0.85
N ASP A 359 -14.37 -22.50 -1.55
CA ASP A 359 -14.00 -22.58 -2.96
C ASP A 359 -14.69 -21.53 -3.82
N GLU A 360 -15.97 -21.30 -3.57
CA GLU A 360 -16.72 -20.32 -4.36
C GLU A 360 -16.26 -18.90 -4.03
N ALA A 361 -16.07 -18.65 -2.74
CA ALA A 361 -15.63 -17.32 -2.29
C ALA A 361 -14.30 -16.90 -2.92
N LEU A 362 -13.33 -17.81 -2.93
CA LEU A 362 -12.01 -17.45 -3.45
C LEU A 362 -11.98 -17.44 -4.98
N LYS A 363 -12.75 -18.32 -5.61
CA LYS A 363 -12.87 -18.31 -7.07
C LYS A 363 -13.34 -16.94 -7.53
N ASP A 364 -14.38 -16.44 -6.87
CA ASP A 364 -14.95 -15.13 -7.16
C ASP A 364 -13.95 -14.04 -6.81
N ALA A 365 -13.23 -14.24 -5.71
CA ALA A 365 -12.23 -13.27 -5.29
C ALA A 365 -11.10 -13.15 -6.31
N GLN A 366 -10.67 -14.28 -6.86
CA GLN A 366 -9.62 -14.24 -7.87
C GLN A 366 -10.10 -13.47 -9.10
N THR A 367 -11.37 -13.65 -9.46
CA THR A 367 -11.94 -12.92 -10.61
C THR A 367 -12.01 -11.42 -10.37
N ASN A 368 -12.42 -11.05 -9.16
CA ASN A 368 -12.56 -9.65 -8.76
C ASN A 368 -11.22 -8.95 -8.60
N ALA A 369 -10.22 -9.66 -8.07
CA ALA A 369 -8.92 -9.06 -7.75
C ALA A 369 -7.96 -8.90 -8.96
N ALA A 370 -7.98 -9.89 -9.86
CA ALA A 370 -7.06 -9.88 -10.99
C ALA A 370 -7.62 -9.07 -12.16
N ALA A 371 -6.73 -8.62 -13.04
CA ALA A 371 -7.15 -7.99 -14.30
C ALA A 371 -8.14 -8.88 -15.03
N SER A 372 -9.05 -8.27 -15.77
CA SER A 372 -10.04 -9.02 -16.53
C SER A 372 -9.40 -10.02 -17.51
N ASN A 373 -8.26 -9.64 -18.07
CA ASN A 373 -7.58 -10.50 -19.03
C ASN A 373 -6.11 -10.13 -19.14
N ILE A 374 -5.31 -11.02 -19.73
CA ILE A 374 -3.88 -10.80 -19.78
C ILE A 374 -3.53 -9.58 -20.64
N ASN A 375 -4.33 -9.31 -21.68
CA ASN A 375 -4.06 -8.12 -22.50
C ASN A 375 -4.11 -6.81 -21.73
N LYS A 376 -5.04 -6.71 -20.78
CA LYS A 376 -5.12 -5.53 -19.93
C LYS A 376 -3.91 -5.42 -19.00
N ALA A 377 -3.45 -6.57 -18.49
CA ALA A 377 -2.27 -6.62 -17.63
C ALA A 377 -1.04 -6.19 -18.42
N LYS A 378 -0.99 -6.55 -19.70
CA LYS A 378 0.13 -6.15 -20.55
C LYS A 378 0.17 -4.63 -20.69
N VAL A 379 -1.00 -4.03 -20.90
CA VAL A 379 -1.09 -2.58 -21.04
C VAL A 379 -0.69 -1.88 -19.75
N ALA A 380 -1.17 -2.37 -18.62
CA ALA A 380 -0.78 -1.81 -17.32
C ALA A 380 0.74 -1.85 -17.12
N SER A 381 1.37 -2.93 -17.58
CA SER A 381 2.82 -3.10 -17.48
C SER A 381 3.54 -2.03 -18.29
N VAL A 382 3.09 -1.84 -19.53
CA VAL A 382 3.71 -0.87 -20.42
C VAL A 382 3.48 0.55 -19.90
N GLU A 383 2.32 0.81 -19.31
CA GLU A 383 2.07 2.12 -18.70
C GLU A 383 3.02 2.39 -17.52
N SER A 384 3.28 1.35 -16.73
CA SER A 384 4.23 1.42 -15.62
C SER A 384 5.63 1.75 -16.15
N ASP A 385 6.06 1.01 -17.18
CA ASP A 385 7.36 1.25 -17.80
C ASP A 385 7.47 2.68 -18.33
N TYR A 386 6.46 3.09 -19.08
CA TYR A 386 6.43 4.43 -19.64
C TYR A 386 6.58 5.50 -18.57
N SER A 387 5.77 5.38 -17.52
CA SER A 387 5.79 6.36 -16.45
C SER A 387 7.16 6.45 -15.78
N SER A 388 7.76 5.29 -15.51
CA SER A 388 9.10 5.24 -14.90
C SER A 388 10.17 5.85 -15.81
N VAL A 389 10.10 5.60 -17.12
CA VAL A 389 11.08 6.13 -18.05
C VAL A 389 10.92 7.65 -18.19
N LYS A 390 9.67 8.10 -18.22
CA LYS A 390 9.39 9.54 -18.27
C LYS A 390 10.05 10.28 -17.11
N SER A 391 9.81 9.80 -15.89
CA SER A 391 10.34 10.42 -14.69
C SER A 391 11.85 10.49 -14.74
N ALA A 392 12.46 9.41 -15.25
CA ALA A 392 13.90 9.32 -15.37
C ALA A 392 14.45 10.28 -16.41
N ALA A 393 13.70 10.45 -17.50
CA ALA A 393 14.14 11.34 -18.58
C ALA A 393 14.02 12.79 -18.15
N LEU A 394 13.05 13.08 -17.28
CA LEU A 394 12.86 14.44 -16.78
C LEU A 394 14.03 14.84 -15.87
N SER A 395 14.48 13.91 -15.03
CA SER A 395 15.63 14.15 -14.18
C SER A 395 16.90 14.35 -15.00
N TYR A 396 17.02 13.58 -16.08
CA TYR A 396 18.16 13.71 -16.97
C TYR A 396 18.18 15.10 -17.58
N TYR A 397 17.03 15.54 -18.09
CA TYR A 397 16.93 16.85 -18.72
C TYR A 397 17.35 17.95 -17.76
N SER A 398 16.75 17.94 -16.57
CA SER A 398 16.94 19.02 -15.61
C SER A 398 18.41 19.14 -15.18
N ASP A 399 19.13 18.01 -15.22
CA ASP A 399 20.53 17.97 -14.80
C ASP A 399 21.53 18.26 -15.91
N LYS A 400 21.27 17.77 -17.11
CA LYS A 400 22.21 17.97 -18.22
C LYS A 400 21.82 19.18 -19.06
N ASN A 401 20.58 19.64 -18.90
CA ASN A 401 20.01 20.70 -19.74
C ASN A 401 20.12 20.30 -21.21
N THR A 402 20.11 18.99 -21.41
CA THR A 402 20.00 18.37 -22.73
C THR A 402 19.03 17.21 -22.63
N MET A 403 18.38 16.88 -23.74
CA MET A 403 17.60 15.64 -23.80
C MET A 403 18.57 14.47 -23.87
N PRO A 404 18.14 13.30 -23.39
CA PRO A 404 18.94 12.08 -23.54
C PRO A 404 19.26 11.79 -25.00
N PRO A 405 20.37 11.10 -25.31
CA PRO A 405 20.66 10.83 -26.70
C PRO A 405 19.73 9.75 -27.29
N SER A 406 19.30 9.95 -28.54
CA SER A 406 18.58 8.89 -29.23
C SER A 406 19.41 7.63 -29.30
N GLY A 407 18.89 6.55 -28.71
CA GLY A 407 19.63 5.30 -28.65
C GLY A 407 19.10 4.42 -27.53
N GLU A 408 20.00 3.65 -26.94
CA GLU A 408 19.67 2.76 -25.81
C GLU A 408 18.95 3.49 -24.68
N LEU A 409 18.18 2.74 -23.89
CA LEU A 409 17.56 3.32 -22.69
C LEU A 409 18.61 3.48 -21.60
N ASP A 410 19.80 2.91 -21.81
CA ASP A 410 20.85 2.91 -20.80
C ASP A 410 21.31 4.36 -20.51
N ALA A 411 21.01 5.29 -21.41
CA ALA A 411 21.27 6.70 -21.13
C ALA A 411 20.64 7.12 -19.80
N LEU A 412 19.49 6.54 -19.49
CA LEU A 412 18.76 6.88 -18.27
C LEU A 412 19.06 5.92 -17.10
N GLU A 413 20.09 5.09 -17.23
CA GLU A 413 20.28 3.99 -16.29
C GLU A 413 20.42 4.43 -14.84
N THR A 414 21.27 5.41 -14.57
CA THR A 414 21.52 5.78 -13.18
C THR A 414 20.38 6.58 -12.56
N TYR A 415 19.35 6.88 -13.35
CA TYR A 415 18.18 7.59 -12.84
C TYR A 415 17.04 6.63 -12.49
N MET A 416 17.20 5.37 -12.87
CA MET A 416 16.29 4.31 -12.50
C MET A 416 17.11 3.25 -11.78
N ASP A 417 16.46 2.27 -11.16
CA ASP A 417 17.22 1.13 -10.68
C ASP A 417 16.95 -0.08 -11.57
N THR A 418 15.68 -0.44 -11.70
CA THR A 418 15.30 -1.49 -12.65
C THR A 418 15.03 -0.86 -14.01
N LEU A 419 15.97 -1.03 -14.93
CA LEU A 419 15.84 -0.48 -16.28
C LEU A 419 15.01 -1.43 -17.16
N PRO A 420 13.91 -0.92 -17.74
CA PRO A 420 13.06 -1.76 -18.59
C PRO A 420 13.81 -2.26 -19.82
N ASP A 421 13.63 -3.52 -20.18
CA ASP A 421 14.31 -4.10 -21.34
C ASP A 421 13.35 -4.30 -22.51
N LYS A 422 12.20 -4.89 -22.20
CA LYS A 422 11.23 -5.25 -23.23
C LYS A 422 9.77 -4.96 -22.80
N ALA A 423 8.96 -4.50 -23.75
CA ALA A 423 7.54 -4.24 -23.50
C ALA A 423 6.70 -5.51 -23.50
N ASP A 424 5.82 -5.65 -22.51
CA ASP A 424 4.96 -6.82 -22.45
C ASP A 424 3.97 -6.92 -23.60
N ILE A 425 3.70 -5.82 -24.29
CA ILE A 425 2.88 -5.87 -25.51
C ILE A 425 3.70 -6.29 -26.73
N GLY A 426 5.00 -6.51 -26.52
CA GLY A 426 5.90 -6.89 -27.59
C GLY A 426 6.82 -5.75 -27.97
N GLY A 427 8.06 -6.09 -28.32
CA GLY A 427 9.00 -5.08 -28.79
C GLY A 427 9.94 -4.60 -27.71
N GLY A 428 11.09 -4.09 -28.16
CA GLY A 428 12.06 -3.52 -27.25
C GLY A 428 11.91 -2.02 -27.13
N TYR A 429 12.53 -1.45 -26.11
CA TYR A 429 12.49 -0.01 -25.86
C TYR A 429 13.73 0.68 -26.42
N LYS A 430 13.53 1.82 -27.07
CA LYS A 430 14.63 2.72 -27.41
C LYS A 430 14.20 4.17 -27.18
N LEU A 431 15.19 5.08 -27.11
CA LEU A 431 14.90 6.50 -27.04
C LEU A 431 15.04 7.15 -28.40
N LEU A 432 14.16 8.10 -28.70
CA LEU A 432 14.08 8.63 -30.04
C LEU A 432 13.80 10.13 -29.99
N LEU A 433 14.86 10.92 -30.18
CA LEU A 433 14.75 12.37 -30.09
C LEU A 433 14.32 12.94 -31.44
N VAL A 434 13.23 13.69 -31.44
CA VAL A 434 12.69 14.26 -32.67
C VAL A 434 12.27 15.70 -32.45
N ASN A 435 12.99 16.61 -33.12
CA ASN A 435 12.65 18.03 -33.08
C ASN A 435 12.75 18.49 -31.63
N ASN A 436 11.63 18.90 -31.05
CA ASN A 436 11.64 19.33 -29.65
C ASN A 436 11.14 18.25 -28.67
N LYS A 437 10.97 17.02 -29.15
CA LYS A 437 10.42 15.95 -28.31
C LYS A 437 11.34 14.75 -28.13
N LEU A 438 11.39 14.22 -26.90
CA LEU A 438 11.97 12.90 -26.66
C LEU A 438 10.85 11.87 -26.59
N ALA A 439 10.96 10.81 -27.39
CA ALA A 439 9.94 9.78 -27.45
C ALA A 439 10.49 8.41 -27.08
N LEU A 440 9.65 7.60 -26.45
CA LEU A 440 9.99 6.22 -26.17
C LEU A 440 9.54 5.35 -27.34
N LYS A 441 10.48 4.76 -28.04
CA LYS A 441 10.16 3.89 -29.18
C LYS A 441 9.94 2.47 -28.71
N ILE A 442 8.80 1.88 -29.07
CA ILE A 442 8.53 0.51 -28.70
C ILE A 442 8.38 -0.33 -29.96
N GLY A 443 9.22 -1.37 -30.10
CA GLY A 443 9.19 -2.23 -31.26
C GLY A 443 10.11 -1.73 -32.37
N ASP A 444 10.53 -2.61 -33.28
CA ASP A 444 11.39 -2.12 -34.36
C ASP A 444 10.94 -2.54 -35.77
N GLY A 445 9.69 -2.95 -35.89
CA GLY A 445 9.13 -3.25 -37.18
C GLY A 445 9.47 -4.62 -37.74
N THR A 446 10.07 -5.49 -36.92
CA THR A 446 10.29 -6.87 -37.35
C THR A 446 9.32 -7.81 -36.63
N ALA A 447 9.07 -8.98 -37.22
CA ALA A 447 8.13 -9.93 -36.63
C ALA A 447 8.55 -10.29 -35.20
N ALA A 448 9.86 -10.35 -34.98
CA ALA A 448 10.42 -10.80 -33.70
C ALA A 448 10.41 -9.69 -32.66
N ASP A 449 10.31 -8.44 -33.11
CA ASP A 449 10.48 -7.29 -32.25
C ASP A 449 9.51 -6.20 -32.65
N SER A 450 8.26 -6.35 -32.26
CA SER A 450 7.25 -5.37 -32.61
C SER A 450 6.05 -5.57 -31.70
N VAL A 451 5.22 -4.54 -31.59
CA VAL A 451 4.06 -4.60 -30.73
C VAL A 451 2.86 -5.18 -31.46
N THR A 452 1.98 -5.84 -30.71
CA THR A 452 0.66 -6.21 -31.21
C THR A 452 -0.33 -5.62 -30.22
N LEU A 453 -1.34 -4.92 -30.72
CA LEU A 453 -2.38 -4.38 -29.84
C LEU A 453 -3.78 -4.69 -30.37
N THR A 454 -4.63 -5.24 -29.51
CA THR A 454 -6.06 -5.33 -29.81
C THR A 454 -6.72 -3.95 -29.75
N LYS A 455 -7.94 -3.83 -30.27
CA LYS A 455 -8.65 -2.54 -30.15
C LYS A 455 -8.91 -2.22 -28.69
N ALA A 456 -9.25 -3.23 -27.90
CA ALA A 456 -9.43 -3.09 -26.47
C ALA A 456 -8.18 -2.51 -25.81
N GLN A 457 -7.01 -3.03 -26.19
CA GLN A 457 -5.76 -2.54 -25.63
C GLN A 457 -5.47 -1.12 -26.08
N ILE A 458 -5.77 -0.84 -27.34
CA ILE A 458 -5.55 0.50 -27.89
C ILE A 458 -6.40 1.53 -27.13
N GLU A 459 -7.67 1.18 -26.90
CA GLU A 459 -8.55 2.07 -26.13
C GLU A 459 -7.98 2.40 -24.76
N LYS A 460 -7.57 1.35 -24.05
CA LYS A 460 -7.05 1.48 -22.70
C LYS A 460 -5.82 2.38 -22.67
N LEU A 461 -4.88 2.14 -23.57
CA LEU A 461 -3.67 2.96 -23.67
C LEU A 461 -3.99 4.42 -23.89
N LEU A 462 -4.86 4.68 -24.86
CA LEU A 462 -5.28 6.02 -25.21
C LEU A 462 -5.92 6.73 -24.03
N SER A 463 -6.88 6.04 -23.39
CA SER A 463 -7.54 6.57 -22.20
C SER A 463 -6.54 6.85 -21.09
N ASP A 464 -5.71 5.86 -20.79
CA ASP A 464 -4.82 5.95 -19.64
C ASP A 464 -3.66 6.92 -19.85
N ILE A 465 -3.10 6.97 -21.06
CA ILE A 465 -1.95 7.82 -21.30
C ILE A 465 -2.35 9.22 -21.81
N GLY A 466 -3.45 9.30 -22.54
CA GLY A 466 -3.99 10.59 -22.94
C GLY A 466 -3.79 10.88 -24.41
N PRO A 467 -4.43 11.96 -24.90
CA PRO A 467 -4.38 12.40 -26.30
C PRO A 467 -3.04 13.00 -26.71
N LYS A 468 -2.73 12.87 -27.99
CA LYS A 468 -1.52 13.44 -28.59
C LYS A 468 -0.23 13.03 -27.86
N LYS A 469 -0.13 11.76 -27.52
CA LYS A 469 1.07 11.24 -26.87
C LYS A 469 1.61 10.01 -27.58
N ILE A 470 0.70 9.23 -28.17
CA ILE A 470 1.07 7.98 -28.83
C ILE A 470 0.99 8.08 -30.35
N TYR A 471 2.12 7.92 -31.01
CA TYR A 471 2.17 7.99 -32.47
C TYR A 471 2.66 6.68 -33.07
N THR A 472 2.31 6.47 -34.33
CA THR A 472 2.62 5.22 -34.99
C THR A 472 3.69 5.38 -36.07
N GLU A 473 4.42 6.48 -36.03
CA GLU A 473 5.45 6.74 -37.04
C GLU A 473 6.45 7.75 -36.45
N ASN A 474 7.68 7.74 -36.95
CA ASN A 474 8.78 8.35 -36.22
C ASN A 474 8.97 9.87 -36.37
N THR A 475 8.00 10.57 -36.94
CA THR A 475 8.04 12.04 -36.90
C THR A 475 6.85 12.58 -36.11
N LEU A 476 6.13 11.67 -35.45
CA LEU A 476 5.07 12.02 -34.52
C LEU A 476 3.94 12.81 -35.18
N LYS A 477 3.62 12.43 -36.42
CA LYS A 477 2.50 13.01 -37.17
C LYS A 477 1.20 12.26 -36.85
N THR A 478 1.18 10.96 -37.14
CA THR A 478 -0.02 10.14 -37.04
C THR A 478 -0.19 9.57 -35.63
N GLU A 479 -1.26 9.98 -34.95
CA GLU A 479 -1.54 9.48 -33.61
C GLU A 479 -2.20 8.10 -33.67
N LEU A 480 -1.91 7.28 -32.65
CA LEU A 480 -2.60 6.02 -32.49
C LEU A 480 -4.10 6.28 -32.30
N GLN A 481 -4.93 5.42 -32.89
CA GLN A 481 -6.37 5.55 -32.86
C GLN A 481 -6.98 4.15 -32.81
N LYS A 482 -8.27 4.06 -32.45
CA LYS A 482 -8.94 2.79 -32.16
C LYS A 482 -8.77 1.68 -33.19
N ASN A 483 -9.10 1.94 -34.46
CA ASN A 483 -8.93 0.92 -35.50
C ASN A 483 -7.60 0.98 -36.25
N SER A 484 -6.58 1.61 -35.66
CA SER A 484 -5.25 1.55 -36.26
C SER A 484 -4.84 0.10 -36.44
N THR A 485 -4.26 -0.18 -37.61
CA THR A 485 -3.78 -1.53 -37.90
C THR A 485 -2.48 -1.81 -37.16
N LEU A 486 -1.74 -0.75 -36.85
CA LEU A 486 -0.36 -0.86 -36.39
C LEU A 486 0.42 -1.78 -37.32
N LYS A 487 0.26 -1.57 -38.63
CA LYS A 487 0.87 -2.38 -39.68
C LYS A 487 2.39 -2.61 -39.49
N ASP A 488 3.08 -1.57 -39.05
CA ASP A 488 4.55 -1.57 -38.95
C ASP A 488 5.04 -2.00 -37.57
N GLY A 489 4.10 -2.29 -36.68
CA GLY A 489 4.41 -2.82 -35.36
C GLY A 489 5.26 -1.97 -34.43
N THR A 490 5.23 -0.64 -34.60
CA THR A 490 6.04 0.23 -33.76
C THR A 490 5.21 1.36 -33.15
N LEU A 491 5.48 1.68 -31.90
CA LEU A 491 4.86 2.82 -31.23
C LEU A 491 5.88 3.85 -30.81
N TYR A 492 5.48 5.12 -30.85
CA TYR A 492 6.30 6.21 -30.33
C TYR A 492 5.49 6.95 -29.29
N ILE A 493 5.98 6.98 -28.05
CA ILE A 493 5.27 7.68 -26.99
C ILE A 493 6.11 8.83 -26.45
N VAL A 494 5.58 10.05 -26.57
CA VAL A 494 6.30 11.23 -26.14
C VAL A 494 6.46 11.26 -24.62
N LEU A 495 7.70 11.39 -24.16
CA LEU A 495 8.00 11.48 -22.73
C LEU A 495 8.12 12.95 -22.32
N ILE A 496 8.79 13.74 -23.16
CA ILE A 496 8.95 15.16 -22.91
C ILE A 496 8.70 15.98 -24.17
N ASP A 497 8.04 17.12 -24.00
CA ASP A 497 7.93 18.14 -25.04
C ASP A 497 8.29 19.51 -24.45
N ASN A 498 8.83 20.40 -25.28
CA ASN A 498 9.14 21.74 -24.81
C ASN A 498 8.06 22.76 -25.20
#